data_1TZ3
#
_entry.id   1TZ3
#
_cell.length_a   135.851
_cell.length_b   54.098
_cell.length_c   89.796
_cell.angle_alpha   90.00
_cell.angle_beta   90.00
_cell.angle_gamma   90.00
#
_symmetry.space_group_name_H-M   'P 21 21 21'
#
loop_
_entity.id
_entity.type
_entity.pdbx_description
1 polymer 'putative sugar kinase'
2 non-polymer 'POTASSIUM ION'
3 non-polymer '5-AMINOIMIDAZOLE RIBONUCLEOSIDE'
4 water water
#
_entity_poly.entity_id   1
_entity_poly.type   'polypeptide(L)'
_entity_poly.pdbx_seq_one_letter_code
;MGSSHHHHHHSSGLVPRGSHMKAMNKVWVIGDASVDLVPEKQNSYLKCPGGASANVGVCVARLGGECGFIGCLGDDDAGR
FLRQVFQDNGVDVTFLRLDADLTSAVLIVNLTADGERSFTYLVHPGADTYVSPQDLPPFRQYEWFYFSSIGLTDRPAREA
CLEGARR(MSE)REAGGYVLFDVNLRSK(MSE)WGNTDEIPELIARSAALASICKVSADELCQLSGASHWQDARYYLRDL
GCDTTIISLGADGALLITAEGEFHFPAPRVDVVDTTGAGDAFVGGLLFTLSRANCWDHALLAEAISNANACGA(MSE)AV
TAKGA(MSE)TALPFPDQLNTFLSSHSLAQAMTVK
;
_entity_poly.pdbx_strand_id   A,B
#
# COMPACT_ATOMS: atom_id res chain seq x y z
N ASN A 25 25.27 -18.14 22.51
CA ASN A 25 24.33 -17.19 23.18
C ASN A 25 23.23 -16.73 22.25
N LYS A 26 22.03 -16.56 22.78
CA LYS A 26 20.91 -16.16 21.95
C LYS A 26 20.90 -14.67 21.63
N VAL A 27 20.45 -14.34 20.43
CA VAL A 27 20.39 -12.98 19.96
C VAL A 27 18.94 -12.59 19.80
N TRP A 28 18.44 -11.70 20.65
CA TRP A 28 17.04 -11.28 20.53
C TRP A 28 16.90 -10.07 19.62
N VAL A 29 16.01 -10.19 18.66
CA VAL A 29 15.74 -9.11 17.72
C VAL A 29 14.31 -8.68 17.96
N ILE A 30 14.07 -7.38 18.04
CA ILE A 30 12.73 -6.87 18.26
C ILE A 30 12.46 -5.72 17.31
N GLY A 31 11.28 -5.70 16.70
CA GLY A 31 10.98 -4.62 15.79
C GLY A 31 10.04 -4.94 14.65
N ASP A 32 10.32 -4.33 13.51
CA ASP A 32 9.50 -4.47 12.31
C ASP A 32 9.79 -5.66 11.39
N ALA A 33 8.75 -6.24 10.83
CA ALA A 33 8.85 -7.35 9.88
C ALA A 33 7.73 -7.07 8.89
N SER A 34 8.12 -6.59 7.72
CA SER A 34 7.16 -6.24 6.71
C SER A 34 7.21 -7.12 5.47
N VAL A 35 6.38 -6.75 4.50
CA VAL A 35 6.32 -7.44 3.23
C VAL A 35 6.70 -6.40 2.21
N ASP A 36 7.97 -6.35 1.86
CA ASP A 36 8.47 -5.40 0.88
C ASP A 36 8.07 -5.82 -0.54
N LEU A 37 7.48 -4.87 -1.26
CA LEU A 37 7.06 -5.07 -2.64
C LEU A 37 8.06 -4.36 -3.53
N VAL A 38 8.88 -5.13 -4.25
CA VAL A 38 9.90 -4.58 -5.13
C VAL A 38 9.52 -4.65 -6.60
N PRO A 39 9.31 -3.47 -7.23
CA PRO A 39 8.94 -3.41 -8.64
C PRO A 39 9.83 -4.28 -9.52
N GLU A 40 9.24 -5.31 -10.10
CA GLU A 40 9.99 -6.19 -10.98
C GLU A 40 10.07 -5.47 -12.31
N LYS A 41 8.92 -5.37 -12.97
CA LYS A 41 8.81 -4.69 -14.25
C LYS A 41 7.59 -3.78 -14.12
N GLN A 42 7.74 -2.54 -14.60
CA GLN A 42 6.70 -1.51 -14.53
C GLN A 42 5.26 -1.95 -14.85
N ASN A 43 4.76 -2.89 -14.05
CA ASN A 43 3.41 -3.45 -14.17
C ASN A 43 3.33 -4.76 -13.41
N SER A 44 4.15 -4.89 -12.37
CA SER A 44 4.18 -6.11 -11.56
C SER A 44 5.18 -6.02 -10.39
N TYR A 45 4.68 -6.20 -9.17
CA TYR A 45 5.50 -6.14 -7.95
C TYR A 45 6.01 -7.51 -7.55
N LEU A 46 7.15 -7.52 -6.86
CA LEU A 46 7.76 -8.75 -6.39
C LEU A 46 7.55 -8.81 -4.88
N LYS A 47 7.09 -9.95 -4.38
CA LYS A 47 6.83 -10.11 -2.96
C LYS A 47 7.99 -10.72 -2.19
N CYS A 48 8.65 -9.93 -1.35
CA CYS A 48 9.75 -10.45 -0.55
C CYS A 48 9.70 -9.96 0.89
N PRO A 49 9.91 -10.87 1.87
CA PRO A 49 9.91 -10.61 3.32
C PRO A 49 10.75 -9.38 3.59
N GLY A 50 10.32 -8.53 4.51
CA GLY A 50 11.09 -7.34 4.79
C GLY A 50 11.01 -6.87 6.22
N GLY A 51 11.69 -5.77 6.50
CA GLY A 51 11.69 -5.22 7.85
C GLY A 51 13.07 -5.34 8.47
N ALA A 52 13.57 -4.23 9.00
CA ALA A 52 14.88 -4.20 9.62
C ALA A 52 15.09 -5.37 10.55
N SER A 53 14.39 -5.35 11.68
CA SER A 53 14.50 -6.39 12.68
C SER A 53 14.39 -7.79 12.08
N ALA A 54 13.41 -7.98 11.21
CA ALA A 54 13.21 -9.28 10.54
C ALA A 54 14.50 -9.68 9.82
N ASN A 55 14.90 -8.86 8.86
CA ASN A 55 16.11 -9.10 8.08
C ASN A 55 17.26 -9.49 8.97
N VAL A 56 17.53 -8.65 9.96
CA VAL A 56 18.64 -8.90 10.88
C VAL A 56 18.51 -10.27 11.53
N GLY A 57 17.30 -10.63 11.92
CA GLY A 57 17.08 -11.91 12.55
C GLY A 57 17.27 -13.08 11.61
N VAL A 58 16.74 -12.94 10.40
CA VAL A 58 16.89 -14.00 9.42
C VAL A 58 18.34 -14.13 9.05
N CYS A 59 19.06 -13.02 9.07
CA CYS A 59 20.47 -13.04 8.76
C CYS A 59 21.21 -13.89 9.80
N VAL A 60 21.10 -13.48 11.05
CA VAL A 60 21.75 -14.19 12.13
C VAL A 60 21.37 -15.67 12.14
N ALA A 61 20.09 -15.95 11.91
CA ALA A 61 19.62 -17.33 11.88
C ALA A 61 20.28 -18.10 10.74
N ARG A 62 20.26 -17.56 9.53
CA ARG A 62 20.87 -18.27 8.41
C ARG A 62 22.32 -18.67 8.65
N LEU A 63 23.06 -17.86 9.39
CA LEU A 63 24.45 -18.16 9.70
C LEU A 63 24.49 -19.13 10.87
N GLY A 64 23.43 -19.90 11.05
CA GLY A 64 23.39 -20.87 12.12
C GLY A 64 23.35 -20.33 13.53
N GLY A 65 23.23 -19.01 13.68
CA GLY A 65 23.17 -18.45 15.02
C GLY A 65 21.79 -18.69 15.63
N GLU A 66 21.69 -18.60 16.96
CA GLU A 66 20.39 -18.82 17.59
C GLU A 66 19.72 -17.47 17.81
N CYS A 67 18.65 -17.23 17.06
CA CYS A 67 17.97 -15.95 17.15
C CYS A 67 16.46 -16.01 17.35
N GLY A 68 15.95 -15.17 18.25
CA GLY A 68 14.53 -15.12 18.51
C GLY A 68 13.98 -13.75 18.16
N PHE A 69 12.87 -13.72 17.43
CA PHE A 69 12.22 -12.46 17.05
C PHE A 69 11.11 -12.09 18.04
N ILE A 70 11.15 -10.86 18.53
CA ILE A 70 10.15 -10.36 19.48
C ILE A 70 9.38 -9.27 18.76
N GLY A 71 8.06 -9.41 18.68
CA GLY A 71 7.30 -8.37 17.99
C GLY A 71 5.84 -8.72 17.75
N CYS A 72 5.15 -7.79 17.10
CA CYS A 72 3.74 -7.95 16.81
C CYS A 72 3.43 -7.98 15.30
N LEU A 73 2.48 -8.82 14.90
CA LEU A 73 2.06 -8.94 13.51
C LEU A 73 0.55 -9.19 13.45
N GLY A 74 -0.03 -8.90 12.30
CA GLY A 74 -1.45 -9.13 12.14
C GLY A 74 -1.70 -10.57 11.79
N ASP A 75 -2.85 -11.10 12.19
CA ASP A 75 -3.17 -12.48 11.89
C ASP A 75 -3.67 -12.55 10.46
N ASP A 76 -3.06 -11.70 9.62
CA ASP A 76 -3.42 -11.60 8.21
C ASP A 76 -2.37 -12.28 7.32
N ASP A 77 -2.63 -12.28 6.01
CA ASP A 77 -1.73 -12.91 5.05
C ASP A 77 -0.28 -12.55 5.32
N ALA A 78 0.06 -11.28 5.13
CA ALA A 78 1.43 -10.85 5.38
C ALA A 78 1.91 -11.40 6.74
N GLY A 79 1.05 -11.36 7.75
CA GLY A 79 1.42 -11.85 9.07
C GLY A 79 1.89 -13.28 9.10
N ARG A 80 1.00 -14.20 8.75
CA ARG A 80 1.32 -15.62 8.72
C ARG A 80 2.41 -15.85 7.71
N PHE A 81 2.31 -15.19 6.57
CA PHE A 81 3.32 -15.32 5.53
C PHE A 81 4.69 -15.06 6.13
N LEU A 82 4.83 -13.88 6.72
CA LEU A 82 6.08 -13.45 7.34
C LEU A 82 6.49 -14.38 8.47
N ARG A 83 5.52 -14.80 9.27
CA ARG A 83 5.79 -15.71 10.38
C ARG A 83 6.39 -17.01 9.85
N GLN A 84 5.81 -17.52 8.76
CA GLN A 84 6.31 -18.74 8.18
C GLN A 84 7.75 -18.53 7.77
N VAL A 85 7.99 -17.48 7.00
CA VAL A 85 9.35 -17.18 6.57
C VAL A 85 10.31 -17.26 7.74
N PHE A 86 9.91 -16.71 8.89
CA PHE A 86 10.78 -16.73 10.05
C PHE A 86 11.12 -18.16 10.42
N GLN A 87 10.11 -19.02 10.36
CA GLN A 87 10.30 -20.42 10.70
C GLN A 87 11.18 -21.14 9.67
N ASP A 88 10.95 -20.84 8.40
CA ASP A 88 11.72 -21.46 7.32
C ASP A 88 13.20 -21.17 7.49
N ASN A 89 13.51 -20.01 8.07
CA ASN A 89 14.91 -19.61 8.24
C ASN A 89 15.50 -19.94 9.59
N GLY A 90 14.75 -20.66 10.42
CA GLY A 90 15.25 -21.05 11.72
C GLY A 90 15.16 -20.01 12.82
N VAL A 91 14.34 -18.98 12.62
CA VAL A 91 14.20 -17.96 13.64
C VAL A 91 13.12 -18.39 14.61
N ASP A 92 13.37 -18.20 15.90
CA ASP A 92 12.40 -18.58 16.90
C ASP A 92 11.28 -17.57 16.93
N VAL A 93 10.06 -18.04 16.78
CA VAL A 93 8.92 -17.15 16.77
C VAL A 93 8.05 -17.27 18.00
N THR A 94 8.57 -17.88 19.05
CA THR A 94 7.81 -18.06 20.29
C THR A 94 7.29 -16.73 20.84
N PHE A 95 8.03 -15.64 20.58
CA PHE A 95 7.60 -14.35 21.07
C PHE A 95 7.10 -13.40 20.01
N LEU A 96 6.66 -13.96 18.89
CA LEU A 96 6.10 -13.17 17.81
C LEU A 96 4.59 -13.35 17.88
N ARG A 97 3.89 -12.33 18.37
CA ARG A 97 2.44 -12.37 18.49
C ARG A 97 1.73 -11.91 17.22
N LEU A 98 0.73 -12.67 16.80
CA LEU A 98 -0.05 -12.31 15.62
C LEU A 98 -1.44 -11.90 16.14
N ASP A 99 -1.89 -10.73 15.69
CA ASP A 99 -3.17 -10.15 16.11
C ASP A 99 -4.12 -9.96 14.93
N ALA A 100 -5.20 -10.73 14.89
CA ALA A 100 -6.17 -10.65 13.80
C ALA A 100 -6.97 -9.37 13.82
N ASP A 101 -6.40 -8.35 14.45
CA ASP A 101 -7.06 -7.06 14.56
C ASP A 101 -6.10 -5.98 14.03
N LEU A 102 -4.83 -6.34 13.91
CA LEU A 102 -3.83 -5.41 13.43
C LEU A 102 -3.50 -5.74 11.98
N THR A 103 -2.83 -4.81 11.30
CA THR A 103 -2.47 -5.06 9.92
C THR A 103 -0.95 -4.99 9.76
N SER A 104 -0.36 -6.14 9.44
CA SER A 104 1.07 -6.28 9.25
C SER A 104 1.54 -5.31 8.16
N ALA A 105 2.61 -4.59 8.47
CA ALA A 105 3.16 -3.61 7.55
C ALA A 105 3.55 -4.15 6.18
N VAL A 106 3.12 -3.43 5.16
CA VAL A 106 3.44 -3.75 3.78
C VAL A 106 4.06 -2.45 3.28
N LEU A 107 4.93 -2.53 2.29
CA LEU A 107 5.54 -1.32 1.77
C LEU A 107 5.94 -1.51 0.33
N ILE A 108 6.16 -0.39 -0.35
CA ILE A 108 6.57 -0.36 -1.75
C ILE A 108 7.97 0.22 -1.80
N VAL A 109 8.93 -0.58 -2.28
CA VAL A 109 10.33 -0.15 -2.38
C VAL A 109 10.54 0.61 -3.66
N ASN A 110 11.42 1.61 -3.63
CA ASN A 110 11.69 2.42 -4.81
C ASN A 110 13.18 2.66 -5.04
N SER A 118 14.20 5.11 -1.53
CA SER A 118 12.85 5.56 -1.20
C SER A 118 11.95 4.43 -0.69
N PHE A 119 11.05 4.78 0.22
CA PHE A 119 10.13 3.82 0.80
C PHE A 119 8.73 4.40 0.99
N THR A 120 7.75 3.82 0.31
CA THR A 120 6.37 4.27 0.46
C THR A 120 5.78 3.29 1.45
N TYR A 121 5.26 3.79 2.57
CA TYR A 121 4.69 2.92 3.60
C TYR A 121 3.17 2.84 3.51
N LEU A 122 2.66 1.85 2.79
CA LEU A 122 1.22 1.70 2.65
C LEU A 122 0.57 1.66 4.02
N VAL A 123 0.70 0.54 4.72
CA VAL A 123 0.12 0.37 6.04
C VAL A 123 0.68 1.43 6.99
N HIS A 124 -0.22 2.30 7.43
CA HIS A 124 0.08 3.43 8.30
C HIS A 124 0.55 3.02 9.70
N PRO A 125 -0.37 2.89 10.68
CA PRO A 125 0.18 2.49 11.98
C PRO A 125 1.11 1.26 12.00
N GLY A 126 0.76 0.21 11.27
CA GLY A 126 1.62 -0.97 11.24
C GLY A 126 1.61 -1.79 12.53
N ALA A 127 1.13 -3.03 12.42
CA ALA A 127 1.03 -3.91 13.57
C ALA A 127 2.32 -4.05 14.36
N ASP A 128 3.45 -3.75 13.72
CA ASP A 128 4.71 -3.88 14.42
C ASP A 128 4.79 -2.93 15.62
N THR A 129 4.24 -1.73 15.46
CA THR A 129 4.26 -0.72 16.52
C THR A 129 3.49 -1.05 17.80
N TYR A 130 2.82 -2.21 17.85
CA TYR A 130 2.05 -2.58 19.04
C TYR A 130 2.77 -3.46 20.05
N VAL A 131 4.05 -3.75 19.83
CA VAL A 131 4.75 -4.58 20.79
C VAL A 131 4.76 -3.83 22.10
N SER A 132 4.74 -4.54 23.21
CA SER A 132 4.76 -3.89 24.50
C SER A 132 5.61 -4.72 25.48
N PRO A 133 6.08 -4.09 26.56
CA PRO A 133 6.91 -4.71 27.59
C PRO A 133 6.52 -6.12 28.05
N GLN A 134 5.27 -6.49 27.87
CA GLN A 134 4.82 -7.81 28.28
C GLN A 134 5.16 -8.88 27.26
N ASP A 135 5.25 -8.47 26.00
CA ASP A 135 5.58 -9.38 24.91
C ASP A 135 7.06 -9.76 25.04
N LEU A 136 7.74 -9.11 25.97
CA LEU A 136 9.15 -9.34 26.21
C LEU A 136 9.42 -10.65 26.93
N PRO A 137 10.52 -11.32 26.57
CA PRO A 137 10.85 -12.60 27.21
C PRO A 137 11.90 -12.46 28.31
N PRO A 138 12.08 -13.53 29.10
CA PRO A 138 13.09 -13.44 30.15
C PRO A 138 14.45 -13.47 29.47
N PHE A 139 15.32 -12.52 29.80
CA PHE A 139 16.66 -12.47 29.21
C PHE A 139 17.69 -13.15 30.11
N ARG A 140 18.62 -13.88 29.48
CA ARG A 140 19.66 -14.55 30.24
C ARG A 140 20.93 -13.73 30.15
N GLN A 141 21.91 -14.05 30.99
CA GLN A 141 23.17 -13.34 30.98
C GLN A 141 23.92 -13.68 29.71
N TYR A 142 24.55 -12.66 29.13
CA TYR A 142 25.34 -12.79 27.92
C TYR A 142 24.57 -12.81 26.62
N GLU A 143 23.24 -12.82 26.69
CA GLU A 143 22.46 -12.80 25.46
C GLU A 143 22.63 -11.42 24.81
N TRP A 144 22.05 -11.22 23.62
CA TRP A 144 22.12 -9.93 22.95
C TRP A 144 20.75 -9.41 22.58
N PHE A 145 20.54 -8.11 22.78
CA PHE A 145 19.29 -7.46 22.46
C PHE A 145 19.49 -6.44 21.34
N TYR A 146 18.65 -6.51 20.32
CA TYR A 146 18.75 -5.60 19.18
C TYR A 146 17.47 -4.81 18.89
N PHE A 147 17.67 -3.57 18.46
CA PHE A 147 16.58 -2.69 18.08
C PHE A 147 17.16 -1.45 17.39
N SER A 148 16.29 -0.70 16.74
CA SER A 148 16.69 0.49 16.01
C SER A 148 15.73 1.65 16.23
N SER A 149 15.93 2.72 15.47
CA SER A 149 15.12 3.93 15.56
C SER A 149 13.71 3.59 15.14
N ILE A 150 13.61 2.71 14.15
CA ILE A 150 12.32 2.28 13.63
C ILE A 150 11.40 1.84 14.75
N GLY A 151 11.83 0.85 15.52
CA GLY A 151 11.02 0.36 16.62
C GLY A 151 10.65 1.40 17.68
N LEU A 152 11.34 2.53 17.67
CA LEU A 152 11.08 3.58 18.66
C LEU A 152 10.04 4.60 18.19
N THR A 153 9.72 4.55 16.91
CA THR A 153 8.76 5.48 16.31
C THR A 153 7.42 5.63 17.04
N ASP A 154 6.65 4.54 17.14
CA ASP A 154 5.34 4.61 17.78
C ASP A 154 5.20 4.13 19.23
N ARG A 155 4.12 4.56 19.87
CA ARG A 155 3.84 4.27 21.26
C ARG A 155 4.24 2.94 21.88
N PRO A 156 3.35 1.93 21.88
CA PRO A 156 3.76 0.67 22.52
C PRO A 156 5.21 0.25 22.26
N ALA A 157 5.47 -0.17 21.02
CA ALA A 157 6.77 -0.63 20.57
C ALA A 157 7.94 0.13 21.18
N ARG A 158 7.85 1.46 21.25
CA ARG A 158 8.94 2.24 21.79
C ARG A 158 9.29 1.83 23.22
N GLU A 159 8.27 1.53 24.03
CA GLU A 159 8.49 1.13 25.43
C GLU A 159 8.98 -0.29 25.51
N ALA A 160 8.61 -1.10 24.53
CA ALA A 160 9.03 -2.48 24.49
C ALA A 160 10.52 -2.52 24.21
N CYS A 161 10.99 -1.61 23.37
CA CYS A 161 12.41 -1.53 23.02
C CYS A 161 13.31 -1.03 24.15
N LEU A 162 12.90 0.08 24.76
CA LEU A 162 13.69 0.66 25.84
C LEU A 162 13.61 -0.14 27.10
N GLU A 163 12.44 -0.71 27.37
CA GLU A 163 12.29 -1.53 28.56
C GLU A 163 13.12 -2.76 28.28
N GLY A 164 12.98 -3.30 27.08
CA GLY A 164 13.75 -4.46 26.71
C GLY A 164 15.23 -4.24 26.89
N ALA A 165 15.74 -3.17 26.29
CA ALA A 165 17.16 -2.87 26.38
C ALA A 165 17.63 -2.85 27.85
N ARG A 166 16.90 -2.12 28.68
CA ARG A 166 17.25 -2.00 30.09
C ARG A 166 17.31 -3.36 30.77
N ARG A 167 16.30 -4.19 30.57
CA ARG A 167 16.27 -5.51 31.18
C ARG A 167 17.45 -6.38 30.76
N ARG A 169 20.30 -5.46 29.89
CA ARG A 169 21.52 -4.98 30.55
C ARG A 169 21.57 -5.44 31.98
N GLU A 170 20.43 -5.40 32.65
CA GLU A 170 20.37 -5.83 34.03
C GLU A 170 20.66 -7.34 34.14
N ALA A 171 20.24 -8.09 33.13
CA ALA A 171 20.44 -9.53 33.09
C ALA A 171 21.90 -9.95 32.86
N GLY A 172 22.72 -9.00 32.42
CA GLY A 172 24.11 -9.31 32.18
C GLY A 172 24.36 -9.51 30.71
N GLY A 173 23.36 -9.15 29.91
CA GLY A 173 23.48 -9.29 28.47
C GLY A 173 24.09 -8.07 27.79
N TYR A 174 23.88 -7.98 26.49
CA TYR A 174 24.40 -6.88 25.70
C TYR A 174 23.32 -6.30 24.80
N VAL A 175 23.50 -5.04 24.41
CA VAL A 175 22.54 -4.39 23.55
C VAL A 175 23.24 -3.74 22.38
N LEU A 176 22.68 -3.96 21.19
CA LEU A 176 23.22 -3.38 19.98
C LEU A 176 22.17 -2.48 19.41
N PHE A 177 22.34 -1.18 19.61
CA PHE A 177 21.37 -0.25 19.09
C PHE A 177 21.82 0.23 17.72
N ASP A 178 20.99 -0.04 16.72
CA ASP A 178 21.29 0.38 15.37
C ASP A 178 20.39 1.54 15.02
N VAL A 179 20.96 2.75 15.01
CA VAL A 179 20.17 3.91 14.67
C VAL A 179 19.83 3.77 13.21
N ASN A 180 18.59 3.38 12.94
CA ASN A 180 18.13 3.21 11.56
C ASN A 180 17.20 4.39 11.33
N LEU A 181 17.71 5.49 10.80
CA LEU A 181 16.88 6.67 10.64
C LEU A 181 15.94 6.75 9.45
N ARG A 182 14.65 6.54 9.73
CA ARG A 182 13.61 6.61 8.72
C ARG A 182 12.70 7.78 9.11
N SER A 183 13.29 8.87 9.59
CA SER A 183 12.55 10.06 10.03
C SER A 183 11.18 10.18 9.39
N LYS A 184 11.17 10.15 8.05
CA LYS A 184 9.96 10.26 7.25
C LYS A 184 8.71 9.74 7.95
N TRP A 186 8.13 9.36 11.14
CA TRP A 186 8.03 9.81 12.52
C TRP A 186 7.00 10.93 12.55
N GLY A 187 6.20 10.98 13.61
CA GLY A 187 5.20 12.04 13.72
C GLY A 187 5.84 13.41 13.94
N ASN A 188 6.75 13.48 14.92
CA ASN A 188 7.45 14.73 15.23
C ASN A 188 8.96 14.50 15.35
N THR A 189 9.71 14.91 14.32
CA THR A 189 11.16 14.75 14.27
C THR A 189 11.89 15.41 15.46
N ASP A 190 11.12 15.91 16.42
CA ASP A 190 11.70 16.56 17.58
C ASP A 190 12.16 15.53 18.59
N GLU A 191 11.49 14.39 18.61
CA GLU A 191 11.83 13.35 19.56
C GLU A 191 13.07 12.54 19.20
N ILE A 192 13.30 12.31 17.91
CA ILE A 192 14.42 11.50 17.49
C ILE A 192 15.73 11.64 18.28
N PRO A 193 16.26 12.86 18.43
CA PRO A 193 17.51 13.01 19.19
C PRO A 193 17.45 12.44 20.60
N GLU A 194 16.37 12.75 21.33
CA GLU A 194 16.21 12.27 22.70
C GLU A 194 16.20 10.74 22.80
N LEU A 195 15.34 10.09 22.03
CA LEU A 195 15.29 8.62 22.04
C LEU A 195 16.68 8.08 21.67
N ILE A 196 17.26 8.59 20.59
CA ILE A 196 18.59 8.17 20.17
C ILE A 196 19.52 8.25 21.38
N ALA A 197 19.51 9.41 22.01
CA ALA A 197 20.35 9.68 23.16
C ALA A 197 20.22 8.68 24.31
N ARG A 198 19.01 8.47 24.82
CA ARG A 198 18.87 7.52 25.92
C ARG A 198 18.94 6.09 25.42
N SER A 199 18.82 5.95 24.11
CA SER A 199 18.91 4.65 23.47
C SER A 199 20.37 4.24 23.62
N ALA A 200 21.28 5.11 23.16
CA ALA A 200 22.71 4.85 23.22
C ALA A 200 23.21 4.67 24.65
N ALA A 201 22.57 5.35 25.59
CA ALA A 201 22.96 5.22 26.99
C ALA A 201 22.83 3.74 27.38
N LEU A 202 21.75 3.15 26.89
CA LEU A 202 21.41 1.76 27.13
C LEU A 202 22.24 0.79 26.29
N ALA A 203 22.73 1.26 25.15
CA ALA A 203 23.49 0.40 24.25
C ALA A 203 24.83 -0.04 24.80
N SER A 204 25.31 -1.16 24.26
CA SER A 204 26.61 -1.70 24.62
C SER A 204 27.47 -1.42 23.39
N ILE A 205 26.79 -1.38 22.26
CA ILE A 205 27.42 -1.10 20.98
C ILE A 205 26.37 -0.40 20.13
N CYS A 206 26.78 0.68 19.49
CA CYS A 206 25.89 1.45 18.61
C CYS A 206 26.36 1.35 17.17
N LYS A 207 25.42 1.15 16.25
CA LYS A 207 25.78 1.05 14.86
C LYS A 207 25.08 2.17 14.13
N VAL A 208 25.83 2.90 13.31
CA VAL A 208 25.28 4.01 12.57
C VAL A 208 25.97 4.14 11.22
N SER A 209 25.31 4.82 10.30
CA SER A 209 25.85 5.04 8.96
C SER A 209 26.47 6.42 8.92
N ALA A 210 27.36 6.65 7.96
CA ALA A 210 28.01 7.94 7.82
C ALA A 210 26.88 8.94 7.65
N ASP A 211 26.01 8.59 6.71
CA ASP A 211 24.83 9.35 6.30
C ASP A 211 23.92 9.82 7.46
N GLU A 212 23.53 8.89 8.32
CA GLU A 212 22.65 9.17 9.45
C GLU A 212 23.28 10.10 10.48
N LEU A 213 24.59 10.03 10.62
CA LEU A 213 25.31 10.87 11.58
C LEU A 213 25.05 12.33 11.26
N CYS A 214 25.44 12.73 10.05
CA CYS A 214 25.24 14.10 9.59
C CYS A 214 23.80 14.49 9.89
N GLN A 215 22.87 13.82 9.22
CA GLN A 215 21.45 14.09 9.41
C GLN A 215 21.08 14.28 10.88
N LEU A 216 21.71 13.51 11.76
CA LEU A 216 21.44 13.62 13.19
C LEU A 216 21.81 15.02 13.63
N SER A 217 23.05 15.18 14.11
CA SER A 217 23.53 16.48 14.56
C SER A 217 24.00 17.33 13.37
N GLY A 218 23.03 17.94 12.69
CA GLY A 218 23.30 18.78 11.54
C GLY A 218 24.74 18.91 11.09
N ALA A 219 25.27 17.83 10.53
CA ALA A 219 26.65 17.82 10.05
C ALA A 219 26.65 18.03 8.54
N SER A 220 27.77 17.73 7.91
CA SER A 220 27.92 17.87 6.45
C SER A 220 28.88 16.76 6.04
N HIS A 221 29.90 16.57 6.87
CA HIS A 221 30.91 15.53 6.71
C HIS A 221 30.80 14.80 8.05
N TRP A 222 30.60 13.50 8.01
CA TRP A 222 30.43 12.73 9.25
C TRP A 222 31.56 12.79 10.28
N GLN A 223 32.81 12.71 9.83
CA GLN A 223 33.94 12.74 10.76
C GLN A 223 33.76 13.86 11.76
N ASP A 224 33.27 15.01 11.31
CA ASP A 224 33.06 16.13 12.22
C ASP A 224 32.09 15.76 13.34
N ALA A 225 31.42 14.61 13.19
CA ALA A 225 30.46 14.15 14.20
C ALA A 225 30.49 12.65 14.43
N ARG A 226 31.64 12.02 14.19
CA ARG A 226 31.75 10.59 14.38
C ARG A 226 31.90 10.20 15.84
N TYR A 227 31.54 11.13 16.72
CA TYR A 227 31.61 10.92 18.16
C TYR A 227 30.25 11.29 18.74
N TYR A 228 29.32 11.64 17.86
CA TYR A 228 27.97 12.03 18.27
C TYR A 228 27.44 11.03 19.28
N LEU A 229 27.58 9.75 18.96
CA LEU A 229 27.09 8.68 19.81
C LEU A 229 27.97 8.47 21.05
N ARG A 230 29.29 8.49 20.86
CA ARG A 230 30.20 8.30 21.97
C ARG A 230 29.97 9.40 22.98
N ASP A 231 29.90 10.63 22.50
CA ASP A 231 29.69 11.77 23.37
C ASP A 231 28.23 11.75 23.82
N LEU A 232 27.59 10.62 23.57
CA LEU A 232 26.19 10.46 23.94
C LEU A 232 26.01 9.19 24.75
N GLY A 233 27.06 8.76 25.43
CA GLY A 233 26.98 7.58 26.28
C GLY A 233 27.43 6.21 25.77
N CYS A 234 27.62 6.06 24.46
CA CYS A 234 28.04 4.77 23.91
C CYS A 234 29.55 4.71 23.72
N ASP A 235 30.20 3.96 24.59
CA ASP A 235 31.65 3.82 24.57
C ASP A 235 32.19 3.09 23.35
N THR A 236 31.30 2.47 22.59
CA THR A 236 31.72 1.76 21.40
C THR A 236 30.74 1.98 20.27
N THR A 237 31.20 2.61 19.20
CA THR A 237 30.32 2.87 18.08
C THR A 237 30.93 2.39 16.77
N ILE A 238 30.08 1.79 15.94
CA ILE A 238 30.51 1.31 14.63
C ILE A 238 29.81 2.16 13.57
N ILE A 239 30.60 2.68 12.63
CA ILE A 239 30.08 3.50 11.56
C ILE A 239 30.25 2.83 10.20
N SER A 240 29.13 2.51 9.57
CA SER A 240 29.15 1.86 8.27
C SER A 240 29.40 2.91 7.18
N LEU A 241 30.12 2.54 6.15
CA LEU A 241 30.42 3.49 5.09
C LEU A 241 30.35 2.86 3.70
N GLY A 242 29.33 3.26 2.94
CA GLY A 242 29.13 2.77 1.59
C GLY A 242 29.76 1.41 1.34
N ALA A 243 30.44 1.27 0.20
CA ALA A 243 31.10 0.01 -0.13
C ALA A 243 32.53 0.10 0.38
N ASP A 244 32.74 1.05 1.28
CA ASP A 244 34.05 1.29 1.88
C ASP A 244 34.37 0.29 2.99
N GLY A 245 33.38 0.06 3.85
CA GLY A 245 33.57 -0.84 4.97
C GLY A 245 32.96 -0.16 6.17
N ALA A 246 33.66 -0.17 7.29
CA ALA A 246 33.12 0.45 8.50
C ALA A 246 34.17 1.29 9.21
N LEU A 247 33.99 1.47 10.53
CA LEU A 247 34.94 2.21 11.33
C LEU A 247 34.73 1.90 12.80
N LEU A 248 35.61 1.05 13.34
CA LEU A 248 35.52 0.66 14.73
C LEU A 248 36.11 1.75 15.60
N ILE A 249 35.24 2.38 16.41
CA ILE A 249 35.68 3.42 17.33
C ILE A 249 35.54 2.98 18.78
N THR A 250 36.69 2.60 19.35
CA THR A 250 36.84 2.17 20.73
C THR A 250 37.96 3.08 21.24
N ALA A 251 38.26 3.06 22.52
CA ALA A 251 39.32 3.93 23.01
C ALA A 251 40.74 3.62 22.52
N GLU A 252 41.00 2.38 22.14
CA GLU A 252 42.34 2.06 21.64
C GLU A 252 42.51 2.78 20.31
N GLY A 253 41.41 3.30 19.76
CA GLY A 253 41.47 4.03 18.50
C GLY A 253 40.46 3.69 17.43
N GLU A 254 40.60 4.37 16.28
CA GLU A 254 39.73 4.18 15.12
C GLU A 254 40.32 3.11 14.20
N PHE A 255 39.50 2.16 13.75
CA PHE A 255 39.99 1.11 12.87
C PHE A 255 39.12 0.93 11.64
N HIS A 256 39.78 0.71 10.50
CA HIS A 256 39.08 0.54 9.24
C HIS A 256 39.11 -0.90 8.75
N PHE A 257 38.02 -1.27 8.09
CA PHE A 257 37.83 -2.59 7.53
C PHE A 257 37.17 -2.39 6.18
N PRO A 258 37.91 -2.62 5.09
CA PRO A 258 37.38 -2.44 3.74
C PRO A 258 36.25 -3.43 3.40
N ALA A 259 35.26 -2.94 2.66
CA ALA A 259 34.14 -3.76 2.24
C ALA A 259 34.46 -4.45 0.92
N PRO A 260 34.03 -5.70 0.75
CA PRO A 260 34.30 -6.42 -0.50
C PRO A 260 33.76 -5.69 -1.73
N ARG A 261 34.40 -5.95 -2.87
CA ARG A 261 34.02 -5.34 -4.13
C ARG A 261 32.64 -5.90 -4.53
N VAL A 262 31.62 -5.10 -4.29
CA VAL A 262 30.23 -5.47 -4.57
C VAL A 262 29.80 -5.17 -5.99
N ASP A 263 28.61 -5.63 -6.36
CA ASP A 263 28.04 -5.41 -7.68
C ASP A 263 26.55 -5.10 -7.47
N VAL A 264 26.30 -3.88 -6.96
CA VAL A 264 24.97 -3.37 -6.63
C VAL A 264 23.76 -3.74 -7.51
N VAL A 265 22.87 -4.55 -6.95
CA VAL A 265 21.65 -4.99 -7.63
C VAL A 265 20.43 -4.42 -6.92
N ASP A 266 20.53 -4.31 -5.60
CA ASP A 266 19.45 -3.80 -4.75
C ASP A 266 20.05 -3.56 -3.36
N THR A 267 20.46 -2.33 -3.09
CA THR A 267 21.06 -2.00 -1.80
C THR A 267 20.16 -2.38 -0.63
N THR A 268 18.85 -2.30 -0.84
CA THR A 268 17.88 -2.63 0.19
C THR A 268 18.23 -3.85 1.04
N GLY A 269 18.72 -3.61 2.24
CA GLY A 269 19.03 -4.73 3.12
C GLY A 269 20.47 -4.85 3.53
N ALA A 270 21.33 -4.04 2.92
CA ALA A 270 22.75 -4.07 3.21
C ALA A 270 23.01 -3.84 4.70
N GLY A 271 22.48 -2.75 5.24
CA GLY A 271 22.69 -2.43 6.64
C GLY A 271 22.22 -3.49 7.62
N ASP A 272 21.02 -4.00 7.39
CA ASP A 272 20.46 -5.02 8.26
C ASP A 272 21.29 -6.29 8.15
N ALA A 273 21.86 -6.52 6.97
CA ALA A 273 22.71 -7.70 6.76
C ALA A 273 23.99 -7.47 7.55
N PHE A 274 24.46 -6.24 7.53
CA PHE A 274 25.66 -5.84 8.24
C PHE A 274 25.52 -6.11 9.74
N VAL A 275 24.37 -5.72 10.30
CA VAL A 275 24.16 -5.92 11.72
C VAL A 275 24.00 -7.39 12.04
N GLY A 276 23.38 -8.12 11.12
CA GLY A 276 23.19 -9.54 11.34
C GLY A 276 24.53 -10.23 11.49
N GLY A 277 25.38 -10.07 10.49
CA GLY A 277 26.69 -10.69 10.52
C GLY A 277 27.48 -10.21 11.71
N LEU A 278 27.13 -9.03 12.20
CA LEU A 278 27.81 -8.46 13.35
C LEU A 278 27.38 -9.16 14.64
N LEU A 279 26.07 -9.31 14.82
CA LEU A 279 25.54 -9.97 16.01
C LEU A 279 25.83 -11.46 16.02
N PHE A 280 25.86 -12.07 14.85
CA PHE A 280 26.14 -13.50 14.75
C PHE A 280 27.52 -13.80 15.33
N THR A 281 28.46 -12.92 15.02
CA THR A 281 29.82 -13.05 15.46
C THR A 281 29.99 -12.81 16.95
N LEU A 282 29.31 -11.80 17.47
CA LEU A 282 29.45 -11.50 18.90
C LEU A 282 28.83 -12.57 19.79
N SER A 283 27.71 -13.14 19.36
CA SER A 283 27.02 -14.14 20.15
C SER A 283 27.85 -15.41 20.30
N ARG A 284 28.89 -15.53 19.49
CA ARG A 284 29.77 -16.70 19.51
C ARG A 284 30.57 -16.84 20.80
N ALA A 285 30.65 -15.75 21.56
CA ALA A 285 31.39 -15.73 22.81
C ALA A 285 30.57 -15.11 23.93
N ASN A 286 31.20 -14.90 25.10
CA ASN A 286 30.50 -14.31 26.24
C ASN A 286 30.96 -12.90 26.58
N CYS A 287 32.13 -12.51 26.10
CA CYS A 287 32.67 -11.18 26.35
C CYS A 287 33.35 -10.73 25.06
N TRP A 288 33.11 -9.49 24.66
CA TRP A 288 33.69 -9.00 23.41
C TRP A 288 34.81 -7.99 23.60
N ASP A 289 35.77 -8.05 22.68
CA ASP A 289 36.92 -7.14 22.70
C ASP A 289 37.28 -6.70 21.28
N HIS A 290 38.22 -5.77 21.17
CA HIS A 290 38.65 -5.29 19.87
C HIS A 290 38.88 -6.49 18.97
N ALA A 291 39.63 -7.45 19.47
CA ALA A 291 39.90 -8.66 18.69
C ALA A 291 38.61 -9.18 18.10
N LEU A 292 37.68 -9.59 18.96
CA LEU A 292 36.39 -10.13 18.54
C LEU A 292 35.57 -9.14 17.69
N LEU A 293 35.60 -7.87 18.06
CA LEU A 293 34.88 -6.82 17.34
C LEU A 293 35.32 -6.76 15.89
N ALA A 294 36.63 -6.89 15.67
CA ALA A 294 37.17 -6.87 14.33
C ALA A 294 36.71 -8.07 13.52
N GLU A 295 36.80 -9.26 14.10
CA GLU A 295 36.36 -10.46 13.39
C GLU A 295 34.89 -10.28 13.07
N ALA A 296 34.20 -9.60 13.98
CA ALA A 296 32.78 -9.33 13.82
C ALA A 296 32.53 -8.37 12.69
N ILE A 297 33.26 -7.26 12.71
CA ILE A 297 33.10 -6.24 11.68
C ILE A 297 33.51 -6.77 10.32
N SER A 298 34.52 -7.63 10.29
CA SER A 298 34.97 -8.22 9.04
C SER A 298 33.77 -9.00 8.49
N ASN A 299 33.15 -9.78 9.35
CA ASN A 299 31.98 -10.56 8.98
C ASN A 299 30.84 -9.67 8.51
N ALA A 300 30.61 -8.58 9.24
CA ALA A 300 29.56 -7.62 8.92
C ALA A 300 29.74 -7.10 7.50
N ASN A 301 30.89 -6.49 7.25
CA ASN A 301 31.20 -5.95 5.93
C ASN A 301 30.90 -6.97 4.84
N ALA A 302 31.35 -8.21 5.05
CA ALA A 302 31.14 -9.29 4.10
C ALA A 302 29.66 -9.42 3.81
N CYS A 303 28.86 -9.64 4.87
CA CYS A 303 27.43 -9.79 4.72
C CYS A 303 26.78 -8.57 4.06
N GLY A 304 27.21 -7.38 4.47
CA GLY A 304 26.64 -6.18 3.89
C GLY A 304 26.86 -6.18 2.40
N ALA A 305 28.05 -6.56 2.00
CA ALA A 305 28.40 -6.60 0.59
C ALA A 305 27.45 -7.56 -0.13
N ALA A 307 24.53 -9.21 0.53
CA ALA A 307 23.10 -8.89 0.52
C ALA A 307 22.61 -7.91 -0.54
N VAL A 308 23.51 -7.23 -1.23
CA VAL A 308 23.05 -6.30 -2.24
C VAL A 308 23.13 -6.91 -3.64
N THR A 309 23.56 -8.17 -3.72
CA THR A 309 23.70 -8.85 -5.01
C THR A 309 22.39 -9.43 -5.55
N ALA A 310 21.29 -9.22 -4.84
CA ALA A 310 20.00 -9.75 -5.28
C ALA A 310 18.91 -8.69 -5.24
N LYS A 311 17.67 -9.13 -5.35
CA LYS A 311 16.53 -8.20 -5.34
C LYS A 311 15.64 -8.49 -4.14
N GLY A 312 16.12 -8.11 -2.96
CA GLY A 312 15.34 -8.35 -1.76
C GLY A 312 16.16 -8.26 -0.49
N ALA A 313 15.59 -7.59 0.50
CA ALA A 313 16.25 -7.41 1.78
C ALA A 313 16.96 -8.65 2.30
N THR A 315 16.88 -11.96 0.36
CA THR A 315 17.09 -13.02 -0.62
C THR A 315 18.52 -13.54 -0.57
N ALA A 316 19.48 -12.61 -0.66
CA ALA A 316 20.90 -12.97 -0.67
C ALA A 316 21.60 -13.13 0.68
N LEU A 317 20.86 -13.36 1.76
CA LEU A 317 21.53 -13.53 3.06
C LEU A 317 22.20 -14.89 3.01
N PRO A 318 23.52 -14.93 3.25
CA PRO A 318 24.35 -16.13 3.26
C PRO A 318 24.16 -17.18 4.33
N PHE A 319 24.49 -18.41 3.96
CA PHE A 319 24.48 -19.57 4.85
C PHE A 319 25.96 -19.79 5.05
N PRO A 320 26.36 -20.51 6.10
CA PRO A 320 27.80 -20.71 6.28
C PRO A 320 28.50 -21.19 5.00
N ASP A 321 27.97 -22.23 4.37
CA ASP A 321 28.54 -22.78 3.14
C ASP A 321 28.78 -21.69 2.10
N GLN A 322 27.97 -20.63 2.17
CA GLN A 322 28.07 -19.52 1.23
C GLN A 322 28.92 -18.37 1.74
N LEU A 323 28.90 -18.17 3.05
CA LEU A 323 29.65 -17.08 3.67
C LEU A 323 31.14 -17.12 3.37
N ASN A 324 31.72 -18.32 3.42
CA ASN A 324 33.15 -18.46 3.17
C ASN A 324 33.53 -18.48 1.70
N THR A 325 32.66 -19.05 0.87
CA THR A 325 32.93 -19.10 -0.56
C THR A 325 33.12 -17.67 -1.01
N PHE A 326 32.55 -16.75 -0.24
CA PHE A 326 32.65 -15.31 -0.52
C PHE A 326 33.81 -14.70 0.22
N LEU A 327 33.87 -14.94 1.52
CA LEU A 327 34.94 -14.40 2.35
C LEU A 327 36.29 -14.47 1.63
N SER A 328 36.75 -15.70 1.42
CA SER A 328 38.01 -15.98 0.75
C SER A 328 38.04 -15.39 -0.65
N SER A 329 36.98 -15.68 -1.42
CA SER A 329 36.84 -15.21 -2.79
C SER A 329 37.00 -13.70 -2.96
N HIS A 330 37.13 -12.98 -1.85
CA HIS A 330 37.30 -11.54 -1.89
C HIS A 330 38.54 -11.10 -1.14
N ASN B 25 -19.60 15.51 -26.69
CA ASN B 25 -19.57 16.19 -25.36
C ASN B 25 -18.68 15.43 -24.39
N LYS B 26 -18.02 16.14 -23.49
CA LYS B 26 -17.12 15.52 -22.53
C LYS B 26 -17.82 14.87 -21.34
N VAL B 27 -17.30 13.73 -20.93
CA VAL B 27 -17.81 12.97 -19.79
C VAL B 27 -16.79 13.05 -18.65
N TRP B 28 -17.16 13.75 -17.58
CA TRP B 28 -16.28 13.89 -16.42
C TRP B 28 -16.55 12.78 -15.44
N VAL B 29 -15.49 12.09 -15.06
CA VAL B 29 -15.56 10.99 -14.11
C VAL B 29 -14.73 11.41 -12.90
N ILE B 30 -15.30 11.27 -11.72
CA ILE B 30 -14.58 11.65 -10.50
C ILE B 30 -14.72 10.56 -9.45
N GLY B 31 -13.62 10.24 -8.78
CA GLY B 31 -13.72 9.21 -7.76
C GLY B 31 -12.49 8.37 -7.52
N ASP B 32 -12.72 7.09 -7.26
CA ASP B 32 -11.68 6.16 -6.95
C ASP B 32 -10.90 5.54 -8.10
N ALA B 33 -9.61 5.45 -7.82
CA ALA B 33 -8.63 4.89 -8.72
C ALA B 33 -7.61 4.33 -7.75
N SER B 34 -7.34 3.05 -7.86
CA SER B 34 -6.37 2.43 -6.99
C SER B 34 -5.80 1.24 -7.72
N VAL B 35 -4.66 0.78 -7.25
CA VAL B 35 -4.01 -0.36 -7.85
C VAL B 35 -4.39 -1.62 -7.07
N ASP B 36 -4.61 -2.70 -7.81
CA ASP B 36 -4.99 -3.96 -7.22
C ASP B 36 -3.91 -4.96 -7.54
N LEU B 37 -3.35 -5.58 -6.49
CA LEU B 37 -2.30 -6.55 -6.65
C LEU B 37 -2.91 -7.94 -6.62
N VAL B 38 -2.72 -8.68 -7.71
CA VAL B 38 -3.25 -10.04 -7.79
C VAL B 38 -2.09 -11.03 -7.80
N PRO B 39 -2.22 -12.12 -7.04
CA PRO B 39 -1.16 -13.13 -6.98
C PRO B 39 -0.84 -13.73 -8.34
N GLU B 40 0.14 -14.62 -8.33
CA GLU B 40 0.59 -15.34 -9.52
C GLU B 40 1.71 -16.25 -9.04
N LYS B 41 2.87 -16.25 -9.70
CA LYS B 41 3.94 -17.14 -9.25
C LYS B 41 4.12 -17.05 -7.74
N GLN B 42 4.41 -18.18 -7.10
CA GLN B 42 4.60 -18.28 -5.65
C GLN B 42 4.88 -16.97 -4.90
N ASN B 43 5.82 -16.17 -5.38
CA ASN B 43 6.14 -14.92 -4.70
C ASN B 43 6.10 -13.65 -5.55
N SER B 44 4.91 -13.31 -6.05
CA SER B 44 4.75 -12.11 -6.88
C SER B 44 3.29 -11.69 -7.07
N TYR B 45 3.08 -10.38 -7.16
CA TYR B 45 1.75 -9.80 -7.36
C TYR B 45 1.74 -9.06 -8.69
N LEU B 46 0.53 -8.83 -9.23
CA LEU B 46 0.38 -8.14 -10.50
C LEU B 46 -0.46 -6.87 -10.40
N LYS B 47 0.16 -5.73 -10.69
CA LYS B 47 -0.51 -4.43 -10.65
C LYS B 47 -1.68 -4.38 -11.63
N CYS B 48 -2.90 -4.38 -11.09
CA CYS B 48 -4.11 -4.33 -11.92
C CYS B 48 -4.84 -3.00 -11.75
N PRO B 49 -5.17 -2.35 -12.89
CA PRO B 49 -5.89 -1.08 -12.77
C PRO B 49 -7.27 -1.34 -12.23
N GLY B 50 -7.67 -0.57 -11.22
CA GLY B 50 -8.98 -0.77 -10.62
C GLY B 50 -9.61 0.51 -10.12
N GLY B 51 -10.87 0.41 -9.69
CA GLY B 51 -11.57 1.57 -9.20
C GLY B 51 -12.77 1.89 -10.06
N ALA B 52 -13.92 2.05 -9.42
CA ALA B 52 -15.16 2.38 -10.13
C ALA B 52 -14.97 3.48 -11.16
N SER B 53 -14.79 4.72 -10.68
CA SER B 53 -14.62 5.86 -11.56
C SER B 53 -13.55 5.61 -12.63
N ALA B 54 -12.43 5.02 -12.23
CA ALA B 54 -11.36 4.72 -13.16
C ALA B 54 -11.91 3.86 -14.31
N ASN B 55 -12.40 2.67 -13.96
CA ASN B 55 -12.94 1.75 -14.94
C ASN B 55 -13.95 2.44 -15.86
N VAL B 56 -14.89 3.16 -15.26
CA VAL B 56 -15.92 3.86 -16.00
C VAL B 56 -15.27 4.80 -17.01
N GLY B 57 -14.26 5.52 -16.57
CA GLY B 57 -13.58 6.45 -17.44
C GLY B 57 -12.82 5.74 -18.55
N VAL B 58 -12.14 4.66 -18.19
CA VAL B 58 -11.37 3.90 -19.17
C VAL B 58 -12.32 3.31 -20.18
N CYS B 59 -13.49 2.93 -19.71
CA CYS B 59 -14.51 2.35 -20.56
C CYS B 59 -14.94 3.37 -21.61
N VAL B 60 -15.45 4.52 -21.16
CA VAL B 60 -15.90 5.56 -22.05
C VAL B 60 -14.79 5.96 -23.02
N ALA B 61 -13.57 6.03 -22.52
CA ALA B 61 -12.46 6.41 -23.36
C ALA B 61 -12.17 5.32 -24.40
N ARG B 62 -11.98 4.10 -23.91
CA ARG B 62 -11.68 2.95 -24.75
C ARG B 62 -12.87 2.58 -25.65
N LEU B 63 -13.72 3.57 -25.93
CA LEU B 63 -14.88 3.38 -26.79
C LEU B 63 -14.92 4.59 -27.68
N GLY B 64 -13.83 5.34 -27.66
CA GLY B 64 -13.75 6.53 -28.47
C GLY B 64 -14.58 7.69 -27.95
N GLY B 65 -14.74 7.77 -26.63
CA GLY B 65 -15.51 8.86 -26.05
C GLY B 65 -14.56 9.82 -25.37
N GLU B 66 -14.90 11.11 -25.31
CA GLU B 66 -13.99 12.05 -24.66
C GLU B 66 -14.26 12.10 -23.16
N CYS B 67 -13.31 11.58 -22.40
CA CYS B 67 -13.46 11.52 -20.94
C CYS B 67 -12.31 12.04 -20.12
N GLY B 68 -12.64 12.81 -19.09
CA GLY B 68 -11.65 13.37 -18.20
C GLY B 68 -11.82 12.85 -16.78
N PHE B 69 -10.74 12.38 -16.17
CA PHE B 69 -10.78 11.84 -14.81
C PHE B 69 -10.41 12.92 -13.80
N ILE B 70 -11.27 13.11 -12.80
CA ILE B 70 -11.02 14.10 -11.75
C ILE B 70 -10.82 13.36 -10.45
N GLY B 71 -9.69 13.58 -9.80
CA GLY B 71 -9.45 12.89 -8.55
C GLY B 71 -8.05 13.04 -8.00
N CYS B 72 -7.80 12.36 -6.88
CA CYS B 72 -6.50 12.41 -6.22
C CYS B 72 -5.80 11.07 -6.15
N LEU B 73 -4.47 11.10 -6.26
CA LEU B 73 -3.67 9.89 -6.20
C LEU B 73 -2.34 10.21 -5.56
N GLY B 74 -1.70 9.17 -5.03
CA GLY B 74 -0.41 9.34 -4.42
C GLY B 74 0.65 9.38 -5.49
N ASP B 75 1.76 10.07 -5.21
CA ASP B 75 2.85 10.19 -6.17
C ASP B 75 3.81 9.02 -6.01
N ASP B 76 3.29 7.88 -5.61
CA ASP B 76 4.10 6.69 -5.46
C ASP B 76 4.12 5.89 -6.75
N ASP B 77 4.91 4.82 -6.76
CA ASP B 77 5.02 3.93 -7.90
C ASP B 77 3.61 3.66 -8.39
N ALA B 78 2.71 3.39 -7.44
CA ALA B 78 1.31 3.08 -7.71
C ALA B 78 0.53 4.17 -8.44
N GLY B 79 0.45 5.34 -7.83
CA GLY B 79 -0.28 6.42 -8.45
C GLY B 79 0.11 6.65 -9.90
N ARG B 80 1.42 6.74 -10.15
CA ARG B 80 1.90 6.95 -11.51
C ARG B 80 1.50 5.79 -12.41
N PHE B 81 1.60 4.57 -11.90
CA PHE B 81 1.22 3.41 -12.67
C PHE B 81 -0.19 3.64 -13.20
N LEU B 82 -1.10 3.93 -12.26
CA LEU B 82 -2.50 4.19 -12.56
C LEU B 82 -2.68 5.36 -13.52
N ARG B 83 -1.93 6.42 -13.26
CA ARG B 83 -2.03 7.60 -14.11
C ARG B 83 -1.62 7.28 -15.54
N GLN B 84 -0.58 6.47 -15.70
CA GLN B 84 -0.13 6.12 -17.04
C GLN B 84 -1.24 5.34 -17.72
N VAL B 85 -1.76 4.33 -17.04
CA VAL B 85 -2.85 3.53 -17.59
C VAL B 85 -3.91 4.46 -18.16
N PHE B 86 -4.26 5.50 -17.41
CA PHE B 86 -5.27 6.44 -17.85
C PHE B 86 -4.88 7.05 -19.18
N GLN B 87 -3.62 7.40 -19.31
CA GLN B 87 -3.14 7.99 -20.55
C GLN B 87 -3.10 6.98 -21.67
N ASP B 88 -2.70 5.75 -21.35
CA ASP B 88 -2.63 4.69 -22.35
C ASP B 88 -3.99 4.46 -22.98
N ASN B 89 -5.04 4.70 -22.20
CA ASN B 89 -6.38 4.48 -22.69
C ASN B 89 -7.08 5.72 -23.23
N GLY B 90 -6.36 6.82 -23.30
CA GLY B 90 -6.97 8.03 -23.83
C GLY B 90 -7.80 8.86 -22.86
N VAL B 91 -7.61 8.64 -21.57
CA VAL B 91 -8.36 9.41 -20.59
C VAL B 91 -7.57 10.68 -20.26
N ASP B 92 -8.25 11.82 -20.23
CA ASP B 92 -7.60 13.08 -19.91
C ASP B 92 -7.29 13.09 -18.41
N VAL B 93 -6.02 13.29 -18.09
CA VAL B 93 -5.59 13.31 -16.70
C VAL B 93 -5.17 14.70 -16.21
N THR B 94 -5.58 15.73 -16.93
CA THR B 94 -5.27 17.11 -16.57
C THR B 94 -5.75 17.44 -15.17
N PHE B 95 -6.83 16.80 -14.74
CA PHE B 95 -7.36 17.08 -13.42
C PHE B 95 -7.18 15.96 -12.42
N LEU B 96 -6.22 15.08 -12.72
CA LEU B 96 -5.86 13.99 -11.85
C LEU B 96 -4.62 14.48 -11.11
N ARG B 97 -4.85 15.20 -10.02
CA ARG B 97 -3.76 15.76 -9.24
C ARG B 97 -2.98 14.69 -8.46
N LEU B 98 -1.68 14.55 -8.76
CA LEU B 98 -0.81 13.59 -8.07
C LEU B 98 -0.18 14.28 -6.87
N ASP B 99 0.02 13.56 -5.77
CA ASP B 99 0.55 14.18 -4.57
C ASP B 99 1.57 13.37 -3.76
N ALA B 100 2.55 14.06 -3.20
CA ALA B 100 3.60 13.42 -2.42
C ALA B 100 3.30 13.29 -0.94
N ASP B 101 2.16 13.80 -0.50
CA ASP B 101 1.81 13.71 0.91
C ASP B 101 0.67 12.71 1.10
N LEU B 102 0.11 12.24 -0.02
CA LEU B 102 -0.99 11.29 -0.03
C LEU B 102 -0.48 9.90 -0.38
N THR B 103 -1.30 8.87 -0.17
CA THR B 103 -0.86 7.52 -0.49
C THR B 103 -1.85 6.75 -1.37
N SER B 104 -1.52 6.60 -2.65
CA SER B 104 -2.35 5.88 -3.61
C SER B 104 -2.85 4.55 -3.08
N ALA B 105 -4.16 4.38 -3.15
CA ALA B 105 -4.78 3.16 -2.67
C ALA B 105 -4.32 1.92 -3.40
N VAL B 106 -3.94 0.92 -2.63
CA VAL B 106 -3.50 -0.35 -3.16
C VAL B 106 -4.15 -1.45 -2.31
N LEU B 107 -4.64 -2.49 -2.98
CA LEU B 107 -5.30 -3.61 -2.32
C LEU B 107 -4.68 -4.93 -2.78
N ILE B 108 -4.62 -5.92 -1.88
CA ILE B 108 -4.09 -7.23 -2.26
C ILE B 108 -5.17 -8.29 -2.13
N VAL B 109 -5.62 -8.77 -3.29
CA VAL B 109 -6.66 -9.79 -3.38
C VAL B 109 -6.12 -11.17 -2.99
N ASN B 110 -6.75 -11.79 -1.99
CA ASN B 110 -6.37 -13.12 -1.52
C ASN B 110 -7.52 -14.09 -1.72
N PHE B 119 -9.92 -9.19 -1.35
CA PHE B 119 -10.00 -7.75 -1.52
C PHE B 119 -9.58 -7.05 -0.22
N THR B 120 -8.29 -7.11 0.10
CA THR B 120 -7.76 -6.48 1.32
C THR B 120 -7.26 -5.04 1.09
N TYR B 121 -7.26 -4.25 2.16
CA TYR B 121 -6.83 -2.85 2.10
C TYR B 121 -5.65 -2.58 3.02
N LEU B 122 -4.73 -1.72 2.59
CA LEU B 122 -3.57 -1.41 3.42
C LEU B 122 -3.47 0.09 3.63
N VAL B 123 -4.13 0.85 2.77
CA VAL B 123 -4.11 2.31 2.86
C VAL B 123 -5.48 2.81 3.32
N HIS B 124 -5.59 3.26 4.56
CA HIS B 124 -6.90 3.69 5.02
C HIS B 124 -7.14 5.18 5.14
N PRO B 125 -6.10 5.96 5.49
CA PRO B 125 -6.47 7.38 5.56
C PRO B 125 -6.92 7.81 4.17
N GLY B 126 -6.90 6.85 3.23
CA GLY B 126 -7.33 7.08 1.85
C GLY B 126 -6.26 7.73 0.99
N ALA B 127 -6.67 8.34 -0.13
CA ALA B 127 -5.77 9.05 -1.04
C ALA B 127 -6.57 9.80 -2.10
N ASP B 128 -7.41 9.07 -2.80
CA ASP B 128 -8.27 9.64 -3.82
C ASP B 128 -9.42 10.28 -3.05
N THR B 129 -9.35 10.14 -1.73
CA THR B 129 -10.36 10.65 -0.82
C THR B 129 -10.07 12.12 -0.49
N TYR B 130 -8.94 12.60 -0.98
CA TYR B 130 -8.52 13.96 -0.70
C TYR B 130 -8.89 14.96 -1.78
N VAL B 131 -9.42 14.50 -2.90
CA VAL B 131 -9.80 15.44 -3.95
C VAL B 131 -10.85 16.41 -3.39
N SER B 132 -10.69 17.69 -3.71
CA SER B 132 -11.59 18.73 -3.24
C SER B 132 -12.19 19.54 -4.38
N PRO B 133 -13.17 20.39 -4.07
CA PRO B 133 -13.85 21.23 -5.07
C PRO B 133 -12.84 22.07 -5.86
N GLN B 134 -11.71 22.36 -5.24
CA GLN B 134 -10.68 23.17 -5.88
C GLN B 134 -10.03 22.39 -7.01
N ASP B 135 -10.30 21.09 -7.06
CA ASP B 135 -9.74 20.24 -8.11
C ASP B 135 -10.69 20.04 -9.29
N LEU B 136 -11.89 20.62 -9.20
CA LEU B 136 -12.89 20.49 -10.26
C LEU B 136 -12.65 21.49 -11.39
N PRO B 137 -12.72 21.02 -12.64
CA PRO B 137 -12.50 21.92 -13.78
C PRO B 137 -13.73 22.80 -14.02
N PRO B 138 -13.70 23.62 -15.08
CA PRO B 138 -14.86 24.47 -15.34
C PRO B 138 -15.76 23.57 -16.17
N PHE B 139 -17.06 23.59 -15.92
CA PHE B 139 -17.96 22.74 -16.68
C PHE B 139 -18.67 23.44 -17.82
N ARG B 140 -18.90 22.70 -18.89
CA ARG B 140 -19.59 23.25 -20.03
C ARG B 140 -20.94 22.57 -20.16
N GLN B 141 -21.86 23.25 -20.82
CA GLN B 141 -23.22 22.76 -21.02
C GLN B 141 -23.21 21.42 -21.74
N TYR B 142 -24.23 20.63 -21.47
CA TYR B 142 -24.39 19.31 -22.09
C TYR B 142 -23.31 18.31 -21.68
N GLU B 143 -22.38 18.74 -20.83
CA GLU B 143 -21.31 17.87 -20.35
C GLU B 143 -21.90 16.92 -19.31
N TRP B 144 -21.25 15.76 -19.14
CA TRP B 144 -21.74 14.79 -18.15
C TRP B 144 -20.80 14.64 -16.97
N PHE B 145 -21.40 14.56 -15.79
CA PHE B 145 -20.67 14.40 -14.54
C PHE B 145 -21.07 13.08 -13.90
N TYR B 146 -20.08 12.30 -13.51
CA TYR B 146 -20.32 11.01 -12.89
C TYR B 146 -19.65 10.82 -11.54
N PHE B 147 -20.32 10.06 -10.68
CA PHE B 147 -19.81 9.73 -9.37
C PHE B 147 -20.72 8.66 -8.76
N SER B 148 -20.28 8.07 -7.65
CA SER B 148 -21.03 7.03 -6.98
C SER B 148 -21.01 7.19 -5.47
N SER B 149 -21.49 6.18 -4.76
CA SER B 149 -21.54 6.18 -3.31
C SER B 149 -20.11 6.17 -2.79
N ILE B 150 -19.25 5.46 -3.51
CA ILE B 150 -17.86 5.34 -3.14
C ILE B 150 -17.21 6.69 -2.90
N GLY B 151 -17.24 7.54 -3.91
CA GLY B 151 -16.66 8.86 -3.78
C GLY B 151 -17.30 9.67 -2.68
N LEU B 152 -18.44 9.19 -2.19
CA LEU B 152 -19.14 9.89 -1.12
C LEU B 152 -18.79 9.40 0.28
N THR B 153 -18.03 8.32 0.37
CA THR B 153 -17.64 7.76 1.66
C THR B 153 -16.89 8.72 2.57
N ASP B 154 -15.64 9.02 2.26
CA ASP B 154 -14.85 9.92 3.10
C ASP B 154 -15.11 11.40 2.83
N ARG B 155 -15.35 12.15 3.90
CA ARG B 155 -15.67 13.58 3.82
C ARG B 155 -14.62 14.55 3.28
N PRO B 156 -13.45 14.05 2.87
CA PRO B 156 -12.54 15.10 2.36
C PRO B 156 -12.88 15.34 0.90
N ALA B 157 -13.47 14.33 0.25
CA ALA B 157 -13.85 14.35 -1.17
C ALA B 157 -15.35 14.31 -1.47
N ARG B 158 -16.14 13.83 -0.52
CA ARG B 158 -17.59 13.80 -0.67
C ARG B 158 -18.09 15.16 -1.12
N GLU B 159 -17.39 16.23 -0.73
CA GLU B 159 -17.75 17.59 -1.11
C GLU B 159 -17.41 17.86 -2.58
N ALA B 160 -16.33 17.24 -3.05
CA ALA B 160 -15.93 17.41 -4.43
C ALA B 160 -17.01 16.85 -5.35
N CYS B 161 -17.62 15.75 -4.92
CA CYS B 161 -18.66 15.07 -5.70
C CYS B 161 -19.97 15.84 -5.73
N LEU B 162 -20.43 16.26 -4.55
CA LEU B 162 -21.68 16.98 -4.45
C LEU B 162 -21.56 18.39 -4.98
N GLU B 163 -20.40 19.01 -4.76
CA GLU B 163 -20.16 20.36 -5.25
C GLU B 163 -20.09 20.22 -6.77
N GLY B 164 -19.34 19.22 -7.22
CA GLY B 164 -19.23 18.99 -8.65
C GLY B 164 -20.58 18.75 -9.32
N ALA B 165 -21.40 17.87 -8.75
CA ALA B 165 -22.70 17.58 -9.35
C ALA B 165 -23.52 18.85 -9.49
N ARG B 166 -23.53 19.65 -8.43
CA ARG B 166 -24.28 20.90 -8.42
C ARG B 166 -23.85 21.87 -9.51
N ARG B 167 -22.55 22.04 -9.67
CA ARG B 167 -22.01 22.95 -10.68
C ARG B 167 -22.34 22.48 -12.08
N ARG B 169 -24.77 20.83 -13.04
CA ARG B 169 -26.18 21.08 -13.31
C ARG B 169 -26.41 22.54 -13.65
N GLU B 170 -25.71 23.41 -12.93
CA GLU B 170 -25.82 24.85 -13.16
C GLU B 170 -25.31 25.22 -14.55
N ALA B 171 -24.25 24.56 -14.98
CA ALA B 171 -23.66 24.83 -16.28
C ALA B 171 -24.51 24.33 -17.45
N GLY B 172 -25.60 23.65 -17.17
CA GLY B 172 -26.42 23.12 -18.25
C GLY B 172 -25.85 21.76 -18.57
N GLY B 173 -25.23 21.16 -17.57
CA GLY B 173 -24.63 19.86 -17.72
C GLY B 173 -25.55 18.77 -17.16
N TYR B 174 -25.10 17.53 -17.28
CA TYR B 174 -25.87 16.40 -16.81
C TYR B 174 -25.14 15.63 -15.71
N VAL B 175 -25.89 14.90 -14.91
CA VAL B 175 -25.29 14.13 -13.83
C VAL B 175 -25.81 12.70 -13.82
N LEU B 176 -24.88 11.76 -13.74
CA LEU B 176 -25.23 10.35 -13.68
C LEU B 176 -24.75 9.81 -12.34
N PHE B 177 -25.66 9.67 -11.39
CA PHE B 177 -25.28 9.15 -10.10
C PHE B 177 -25.48 7.66 -10.08
N ASP B 178 -24.40 6.94 -9.83
CA ASP B 178 -24.43 5.49 -9.78
C ASP B 178 -24.26 5.08 -8.33
N VAL B 179 -25.34 4.72 -7.67
CA VAL B 179 -25.26 4.28 -6.28
C VAL B 179 -24.44 3.00 -6.28
N ASN B 180 -23.18 3.10 -5.90
CA ASN B 180 -22.34 1.92 -5.88
C ASN B 180 -22.21 1.57 -4.43
N LEU B 181 -23.10 0.69 -3.98
CA LEU B 181 -23.14 0.24 -2.60
C LEU B 181 -21.89 -0.50 -2.17
N ARG B 182 -21.44 -0.21 -0.95
CA ARG B 182 -20.27 -0.82 -0.32
C ARG B 182 -20.22 -0.48 1.17
N SER B 183 -21.29 -0.84 1.88
CA SER B 183 -21.40 -0.60 3.31
C SER B 183 -20.16 -0.98 4.10
N LYS B 184 -19.29 -1.79 3.51
CA LYS B 184 -18.08 -2.20 4.20
C LYS B 184 -17.20 -0.96 4.37
N TRP B 186 -18.05 2.10 4.44
CA TRP B 186 -18.65 3.11 5.30
C TRP B 186 -18.49 2.81 6.79
N GLY B 187 -18.13 3.85 7.54
CA GLY B 187 -17.99 3.68 8.97
C GLY B 187 -19.36 3.85 9.61
N ASN B 188 -20.02 4.95 9.27
CA ASN B 188 -21.36 5.25 9.80
C ASN B 188 -22.44 4.97 8.76
N THR B 189 -22.91 3.73 8.70
CA THR B 189 -23.94 3.35 7.74
C THR B 189 -25.22 4.19 7.90
N ASP B 190 -25.18 5.15 8.80
CA ASP B 190 -26.35 6.00 9.03
C ASP B 190 -26.41 7.11 7.99
N GLU B 191 -25.25 7.49 7.45
CA GLU B 191 -25.15 8.56 6.46
C GLU B 191 -25.64 8.15 5.08
N ILE B 192 -25.31 6.94 4.68
CA ILE B 192 -25.67 6.42 3.37
C ILE B 192 -27.01 6.90 2.76
N PRO B 193 -28.14 6.63 3.41
CA PRO B 193 -29.41 7.08 2.84
C PRO B 193 -29.47 8.57 2.51
N GLU B 194 -29.04 9.40 3.46
CA GLU B 194 -29.04 10.84 3.28
C GLU B 194 -28.24 11.25 2.04
N LEU B 195 -26.98 10.85 1.97
CA LEU B 195 -26.15 11.18 0.81
C LEU B 195 -26.83 10.68 -0.47
N ILE B 196 -27.26 9.42 -0.47
CA ILE B 196 -27.93 8.87 -1.64
C ILE B 196 -29.07 9.79 -2.03
N ALA B 197 -29.92 10.10 -1.05
CA ALA B 197 -31.08 10.95 -1.25
C ALA B 197 -30.71 12.29 -1.85
N ARG B 198 -29.68 12.90 -1.30
CA ARG B 198 -29.24 14.19 -1.79
C ARG B 198 -28.65 14.03 -3.17
N SER B 199 -28.09 12.85 -3.44
CA SER B 199 -27.48 12.55 -4.73
C SER B 199 -28.50 12.49 -5.85
N ALA B 200 -29.62 11.79 -5.59
CA ALA B 200 -30.68 11.67 -6.59
C ALA B 200 -31.24 13.03 -6.90
N ALA B 201 -31.26 13.88 -5.88
CA ALA B 201 -31.77 15.23 -6.01
C ALA B 201 -31.00 15.99 -7.09
N LEU B 202 -29.68 15.91 -7.03
CA LEU B 202 -28.81 16.57 -7.99
C LEU B 202 -28.77 15.88 -9.33
N ALA B 203 -28.66 14.55 -9.32
CA ALA B 203 -28.54 13.76 -10.54
C ALA B 203 -29.66 13.92 -11.57
N SER B 204 -29.32 13.63 -12.82
CA SER B 204 -30.28 13.69 -13.91
C SER B 204 -30.78 12.27 -14.11
N ILE B 205 -29.84 11.34 -14.05
CA ILE B 205 -30.08 9.90 -14.22
C ILE B 205 -29.39 9.13 -13.10
N CYS B 206 -30.11 8.20 -12.48
CA CYS B 206 -29.53 7.38 -11.41
C CYS B 206 -29.42 5.93 -11.85
N LYS B 207 -28.31 5.29 -11.53
CA LYS B 207 -28.12 3.91 -11.90
C LYS B 207 -27.97 3.10 -10.63
N VAL B 208 -28.74 2.02 -10.54
CA VAL B 208 -28.72 1.19 -9.36
C VAL B 208 -28.90 -0.27 -9.74
N SER B 209 -28.45 -1.16 -8.87
CA SER B 209 -28.60 -2.61 -9.10
C SER B 209 -29.82 -3.07 -8.32
N ALA B 210 -30.38 -4.20 -8.74
CA ALA B 210 -31.54 -4.75 -8.05
C ALA B 210 -31.15 -4.93 -6.59
N ASP B 211 -30.05 -5.65 -6.39
CA ASP B 211 -29.52 -5.92 -5.06
C ASP B 211 -29.45 -4.65 -4.23
N GLU B 212 -29.04 -3.56 -4.84
CA GLU B 212 -28.93 -2.30 -4.12
C GLU B 212 -30.29 -1.74 -3.75
N LEU B 213 -31.29 -1.92 -4.61
CA LEU B 213 -32.62 -1.41 -4.29
C LEU B 213 -33.14 -2.10 -3.03
N CYS B 214 -32.57 -3.26 -2.71
CA CYS B 214 -32.97 -4.00 -1.53
C CYS B 214 -32.22 -3.54 -0.30
N GLN B 215 -30.91 -3.37 -0.41
CA GLN B 215 -30.13 -2.92 0.74
C GLN B 215 -30.67 -1.56 1.22
N LEU B 216 -31.16 -0.74 0.30
CA LEU B 216 -31.68 0.59 0.64
C LEU B 216 -33.06 0.61 1.27
N SER B 217 -33.99 -0.15 0.69
CA SER B 217 -35.34 -0.22 1.20
C SER B 217 -35.42 -1.37 2.19
N GLY B 218 -34.85 -2.49 1.79
CA GLY B 218 -34.86 -3.68 2.62
C GLY B 218 -35.62 -4.77 1.89
N ALA B 219 -36.65 -4.35 1.16
CA ALA B 219 -37.51 -5.24 0.39
C ALA B 219 -36.72 -6.40 -0.19
N SER B 220 -37.28 -7.60 -0.07
CA SER B 220 -36.63 -8.79 -0.59
C SER B 220 -36.83 -8.89 -2.09
N HIS B 221 -37.78 -8.12 -2.62
CA HIS B 221 -38.04 -8.12 -4.06
C HIS B 221 -37.83 -6.73 -4.62
N TRP B 222 -36.77 -6.56 -5.41
CA TRP B 222 -36.44 -5.26 -5.99
C TRP B 222 -37.59 -4.58 -6.75
N GLN B 223 -38.46 -5.36 -7.35
CA GLN B 223 -39.59 -4.79 -8.08
C GLN B 223 -40.42 -3.89 -7.18
N ASP B 224 -40.31 -4.13 -5.87
CA ASP B 224 -41.04 -3.35 -4.89
C ASP B 224 -40.40 -1.97 -4.80
N ALA B 225 -39.09 -1.94 -4.87
CA ALA B 225 -38.36 -0.68 -4.74
C ALA B 225 -37.99 0.08 -6.02
N ARG B 226 -38.47 -0.36 -7.18
CA ARG B 226 -38.13 0.30 -8.44
C ARG B 226 -38.42 1.82 -8.48
N TYR B 227 -39.18 2.31 -7.50
CA TYR B 227 -39.51 3.73 -7.42
C TYR B 227 -38.78 4.37 -6.25
N TYR B 228 -37.82 3.66 -5.68
CA TYR B 228 -37.11 4.19 -4.53
C TYR B 228 -36.54 5.57 -4.86
N LEU B 229 -35.61 5.61 -5.82
CA LEU B 229 -34.98 6.86 -6.21
C LEU B 229 -35.98 7.82 -6.81
N ARG B 230 -36.93 7.31 -7.57
CA ARG B 230 -37.93 8.18 -8.17
C ARG B 230 -38.57 9.07 -7.11
N ASP B 231 -38.77 8.52 -5.91
CA ASP B 231 -39.39 9.30 -4.83
C ASP B 231 -38.40 10.25 -4.18
N LEU B 232 -37.13 10.04 -4.47
CA LEU B 232 -36.07 10.86 -3.90
C LEU B 232 -35.65 12.02 -4.78
N GLY B 233 -36.36 12.18 -5.89
CA GLY B 233 -36.06 13.28 -6.78
C GLY B 233 -35.46 12.93 -8.12
N CYS B 234 -35.49 11.66 -8.50
CA CYS B 234 -34.93 11.32 -9.81
C CYS B 234 -35.98 10.95 -10.83
N ASP B 235 -36.08 11.79 -11.85
CA ASP B 235 -37.02 11.64 -12.95
C ASP B 235 -36.78 10.36 -13.76
N THR B 236 -35.53 9.97 -13.92
CA THR B 236 -35.24 8.75 -14.67
C THR B 236 -34.17 7.89 -14.01
N THR B 237 -34.54 6.64 -13.74
CA THR B 237 -33.65 5.68 -13.10
C THR B 237 -33.39 4.50 -14.04
N ILE B 238 -32.14 4.05 -14.07
CA ILE B 238 -31.76 2.91 -14.89
C ILE B 238 -31.33 1.80 -13.94
N ILE B 239 -32.11 0.72 -13.88
CA ILE B 239 -31.84 -0.39 -12.98
C ILE B 239 -31.11 -1.57 -13.63
N SER B 240 -29.90 -1.82 -13.15
CA SER B 240 -29.06 -2.91 -13.61
C SER B 240 -29.68 -4.20 -13.10
N LEU B 241 -29.66 -5.25 -13.91
CA LEU B 241 -30.24 -6.54 -13.49
C LEU B 241 -29.39 -7.72 -13.92
N GLY B 242 -28.18 -7.44 -14.38
CA GLY B 242 -27.28 -8.49 -14.82
C GLY B 242 -27.69 -9.23 -16.06
N ALA B 243 -27.85 -10.55 -15.94
CA ALA B 243 -28.24 -11.39 -17.07
C ALA B 243 -29.61 -10.96 -17.58
N ASP B 244 -30.46 -10.49 -16.67
CA ASP B 244 -31.79 -10.05 -17.02
C ASP B 244 -31.87 -8.68 -17.67
N GLY B 245 -30.72 -8.12 -18.03
CA GLY B 245 -30.72 -6.82 -18.68
C GLY B 245 -31.00 -5.63 -17.78
N ALA B 246 -31.68 -4.62 -18.31
CA ALA B 246 -32.00 -3.43 -17.55
C ALA B 246 -33.47 -3.08 -17.52
N LEU B 247 -33.86 -2.26 -16.54
CA LEU B 247 -35.23 -1.78 -16.43
C LEU B 247 -35.18 -0.27 -16.27
N LEU B 248 -35.65 0.42 -17.30
CA LEU B 248 -35.67 1.87 -17.29
C LEU B 248 -36.93 2.37 -16.63
N ILE B 249 -36.78 3.35 -15.75
CA ILE B 249 -37.95 3.93 -15.10
C ILE B 249 -38.03 5.42 -15.35
N THR B 250 -38.95 5.81 -16.21
CA THR B 250 -39.13 7.22 -16.51
C THR B 250 -40.59 7.55 -16.23
N ALA B 251 -40.87 8.83 -16.05
CA ALA B 251 -42.23 9.29 -15.75
C ALA B 251 -43.36 8.63 -16.55
N GLU B 252 -43.14 8.44 -17.85
CA GLU B 252 -44.19 7.86 -18.70
C GLU B 252 -44.30 6.36 -18.78
N GLY B 253 -43.70 5.64 -17.83
CA GLY B 253 -43.76 4.19 -17.85
C GLY B 253 -42.42 3.50 -17.66
N GLU B 254 -42.45 2.17 -17.57
CA GLU B 254 -41.23 1.38 -17.38
C GLU B 254 -40.95 0.56 -18.64
N PHE B 255 -39.68 0.47 -19.03
CA PHE B 255 -39.35 -0.27 -20.24
C PHE B 255 -38.17 -1.21 -20.06
N HIS B 256 -38.46 -2.50 -20.13
CA HIS B 256 -37.44 -3.52 -19.95
C HIS B 256 -36.52 -3.79 -21.14
N PHE B 257 -35.24 -3.89 -20.83
CA PHE B 257 -34.21 -4.14 -21.82
C PHE B 257 -33.42 -5.39 -21.44
N PRO B 258 -33.68 -6.52 -22.11
CA PRO B 258 -32.97 -7.77 -21.80
C PRO B 258 -31.53 -7.73 -22.32
N ALA B 259 -30.63 -8.43 -21.62
CA ALA B 259 -29.22 -8.45 -22.00
C ALA B 259 -28.83 -9.69 -22.79
N PRO B 260 -27.84 -9.58 -23.69
CA PRO B 260 -27.38 -10.72 -24.51
C PRO B 260 -26.95 -11.91 -23.63
N ARG B 261 -27.43 -13.10 -23.98
CA ARG B 261 -27.13 -14.32 -23.25
C ARG B 261 -25.65 -14.69 -23.40
N VAL B 262 -24.94 -14.88 -22.29
CA VAL B 262 -23.52 -15.22 -22.38
C VAL B 262 -22.93 -16.10 -21.28
N ASP B 263 -21.65 -16.40 -21.45
CA ASP B 263 -20.86 -17.23 -20.53
C ASP B 263 -21.17 -17.00 -19.08
N VAL B 264 -20.99 -15.77 -18.62
CA VAL B 264 -21.25 -15.40 -17.23
C VAL B 264 -20.08 -15.80 -16.33
N VAL B 265 -18.88 -15.80 -16.92
CA VAL B 265 -17.65 -16.17 -16.21
C VAL B 265 -17.42 -15.40 -14.90
N ASP B 266 -16.72 -14.26 -14.99
CA ASP B 266 -16.44 -13.43 -13.84
C ASP B 266 -17.20 -12.11 -13.97
N THR B 267 -18.14 -11.88 -13.07
CA THR B 267 -18.98 -10.68 -13.12
C THR B 267 -18.38 -9.36 -12.61
N THR B 268 -17.06 -9.33 -12.43
CA THR B 268 -16.38 -8.15 -11.93
C THR B 268 -16.22 -7.01 -12.94
N GLY B 269 -16.33 -5.77 -12.46
CA GLY B 269 -16.20 -4.62 -13.34
C GLY B 269 -17.39 -4.49 -14.28
N ALA B 270 -18.33 -5.42 -14.17
CA ALA B 270 -19.52 -5.42 -15.00
C ALA B 270 -20.29 -4.10 -14.90
N GLY B 271 -20.65 -3.71 -13.69
CA GLY B 271 -21.40 -2.48 -13.48
C GLY B 271 -20.70 -1.25 -14.00
N ASP B 272 -19.42 -1.10 -13.69
CA ASP B 272 -18.65 0.05 -14.12
C ASP B 272 -18.62 0.07 -15.64
N ALA B 273 -18.59 -1.12 -16.23
CA ALA B 273 -18.59 -1.25 -17.67
C ALA B 273 -19.94 -0.78 -18.19
N PHE B 274 -20.99 -1.20 -17.51
CA PHE B 274 -22.37 -0.86 -17.86
C PHE B 274 -22.52 0.67 -17.86
N VAL B 275 -21.98 1.33 -16.85
CA VAL B 275 -22.08 2.78 -16.75
C VAL B 275 -21.29 3.47 -17.85
N GLY B 276 -20.13 2.90 -18.15
CA GLY B 276 -19.30 3.46 -19.19
C GLY B 276 -20.02 3.47 -20.52
N GLY B 277 -20.49 2.31 -20.94
CA GLY B 277 -21.20 2.21 -22.20
C GLY B 277 -22.43 3.09 -22.20
N LEU B 278 -22.95 3.36 -21.01
CA LEU B 278 -24.14 4.17 -20.87
C LEU B 278 -23.81 5.64 -21.11
N LEU B 279 -22.76 6.13 -20.45
CA LEU B 279 -22.32 7.52 -20.59
C LEU B 279 -21.74 7.80 -21.97
N PHE B 280 -21.08 6.81 -22.56
CA PHE B 280 -20.49 6.99 -23.87
C PHE B 280 -21.58 7.31 -24.88
N THR B 281 -22.71 6.62 -24.74
CA THR B 281 -23.83 6.79 -25.64
C THR B 281 -24.55 8.12 -25.46
N LEU B 282 -24.72 8.54 -24.21
CA LEU B 282 -25.43 9.78 -23.98
C LEU B 282 -24.65 11.00 -24.40
N SER B 283 -23.33 10.95 -24.26
CA SER B 283 -22.46 12.08 -24.62
C SER B 283 -22.48 12.34 -26.12
N ARG B 284 -22.99 11.38 -26.87
CA ARG B 284 -23.08 11.46 -28.32
C ARG B 284 -24.00 12.57 -28.86
N ALA B 285 -24.91 13.07 -28.03
CA ALA B 285 -25.82 14.14 -28.45
C ALA B 285 -25.69 15.32 -27.49
N ASN B 286 -26.58 16.30 -27.61
CA ASN B 286 -26.55 17.48 -26.73
C ASN B 286 -27.70 17.46 -25.73
N CYS B 287 -28.80 16.82 -26.13
CA CYS B 287 -29.96 16.71 -25.28
C CYS B 287 -30.51 15.32 -25.55
N TRP B 288 -30.42 14.43 -24.57
CA TRP B 288 -30.89 13.06 -24.74
C TRP B 288 -32.40 12.93 -24.85
N ASP B 289 -32.84 12.12 -25.80
CA ASP B 289 -34.26 11.90 -26.03
C ASP B 289 -34.58 10.42 -25.92
N HIS B 290 -35.79 10.02 -26.30
CA HIS B 290 -36.21 8.63 -26.24
C HIS B 290 -35.27 7.66 -26.94
N ALA B 291 -34.96 7.94 -28.20
CA ALA B 291 -34.10 7.06 -28.98
C ALA B 291 -32.70 6.89 -28.40
N LEU B 292 -32.08 7.99 -27.96
CA LEU B 292 -30.73 7.90 -27.43
C LEU B 292 -30.72 7.06 -26.16
N LEU B 293 -31.74 7.26 -25.35
CA LEU B 293 -31.91 6.55 -24.11
C LEU B 293 -32.00 5.05 -24.43
N ALA B 294 -32.97 4.68 -25.25
CA ALA B 294 -33.17 3.30 -25.64
C ALA B 294 -31.86 2.66 -26.06
N GLU B 295 -31.14 3.30 -26.96
CA GLU B 295 -29.89 2.77 -27.44
C GLU B 295 -28.80 2.67 -26.35
N ALA B 296 -28.70 3.72 -25.55
CA ALA B 296 -27.71 3.78 -24.48
C ALA B 296 -27.72 2.53 -23.60
N ILE B 297 -28.91 2.16 -23.13
CA ILE B 297 -29.07 0.99 -22.28
C ILE B 297 -28.67 -0.29 -23.02
N SER B 298 -28.96 -0.33 -24.32
CA SER B 298 -28.60 -1.49 -25.12
C SER B 298 -27.10 -1.60 -25.05
N ASN B 299 -26.45 -0.46 -25.25
CA ASN B 299 -25.01 -0.38 -25.23
C ASN B 299 -24.45 -0.81 -23.89
N ALA B 300 -25.08 -0.30 -22.82
CA ALA B 300 -24.68 -0.60 -21.46
C ALA B 300 -24.69 -2.10 -21.21
N ASN B 301 -25.82 -2.73 -21.47
CA ASN B 301 -25.97 -4.16 -21.27
C ASN B 301 -24.86 -4.91 -22.00
N ALA B 302 -24.63 -4.54 -23.26
CA ALA B 302 -23.59 -5.15 -24.05
C ALA B 302 -22.24 -5.07 -23.31
N CYS B 303 -21.83 -3.85 -22.99
CA CYS B 303 -20.58 -3.64 -22.26
C CYS B 303 -20.52 -4.42 -20.95
N GLY B 304 -21.63 -4.40 -20.22
CA GLY B 304 -21.66 -5.09 -18.95
C GLY B 304 -21.40 -6.57 -19.15
N ALA B 305 -21.99 -7.11 -20.20
CA ALA B 305 -21.83 -8.52 -20.53
C ALA B 305 -20.37 -8.83 -20.79
N ALA B 307 -17.89 -7.59 -20.02
CA ALA B 307 -17.16 -7.49 -18.77
C ALA B 307 -17.18 -8.84 -18.11
N VAL B 308 -18.34 -9.48 -18.11
CA VAL B 308 -18.51 -10.79 -17.49
C VAL B 308 -17.80 -11.98 -18.14
N THR B 309 -18.10 -12.25 -19.41
CA THR B 309 -17.47 -13.37 -20.11
C THR B 309 -15.97 -13.54 -19.86
N ALA B 310 -15.27 -12.45 -19.57
CA ALA B 310 -13.83 -12.50 -19.34
C ALA B 310 -13.48 -12.42 -17.86
N LYS B 311 -12.24 -12.78 -17.51
CA LYS B 311 -11.78 -12.71 -16.12
C LYS B 311 -11.15 -11.33 -15.89
N GLY B 312 -10.62 -11.12 -14.69
CA GLY B 312 -10.01 -9.83 -14.38
C GLY B 312 -11.12 -8.81 -14.11
N ALA B 313 -10.99 -7.61 -14.67
CA ALA B 313 -12.01 -6.57 -14.48
C ALA B 313 -11.97 -5.60 -15.66
N THR B 315 -9.87 -5.62 -17.69
CA THR B 315 -9.31 -6.44 -18.75
C THR B 315 -10.46 -7.14 -19.48
N ALA B 316 -11.65 -6.59 -19.32
CA ALA B 316 -12.84 -7.12 -19.95
C ALA B 316 -13.54 -5.98 -20.68
N LEU B 317 -12.98 -4.78 -20.55
CA LEU B 317 -13.56 -3.59 -21.19
C LEU B 317 -13.24 -3.60 -22.66
N PRO B 318 -14.27 -3.77 -23.50
CA PRO B 318 -14.16 -3.82 -24.97
C PRO B 318 -13.67 -2.59 -25.69
N PHE B 319 -13.25 -2.80 -26.93
CA PHE B 319 -12.79 -1.74 -27.82
C PHE B 319 -13.92 -1.55 -28.82
N PRO B 320 -13.93 -0.42 -29.52
CA PRO B 320 -14.98 -0.12 -30.51
C PRO B 320 -15.17 -1.16 -31.62
N ASP B 321 -14.21 -2.06 -31.78
CA ASP B 321 -14.28 -3.09 -32.81
C ASP B 321 -15.01 -4.34 -32.33
N GLN B 322 -14.56 -4.89 -31.21
CA GLN B 322 -15.17 -6.10 -30.66
C GLN B 322 -16.59 -5.90 -30.14
N LEU B 323 -16.92 -4.67 -29.74
CA LEU B 323 -18.26 -4.40 -29.25
C LEU B 323 -19.21 -4.75 -30.38
N ASN B 324 -18.83 -4.36 -31.60
CA ASN B 324 -19.63 -4.62 -32.79
C ASN B 324 -19.59 -6.08 -33.14
N THR B 325 -18.38 -6.63 -33.22
CA THR B 325 -18.20 -8.04 -33.54
C THR B 325 -19.08 -8.87 -32.59
N PHE B 326 -19.26 -8.33 -31.38
CA PHE B 326 -20.07 -8.95 -30.32
C PHE B 326 -21.56 -8.77 -30.62
N LEU B 327 -21.99 -7.52 -30.67
CA LEU B 327 -23.39 -7.18 -30.95
C LEU B 327 -23.86 -7.95 -32.16
N SER B 328 -23.15 -7.76 -33.26
CA SER B 328 -23.44 -8.40 -34.52
C SER B 328 -23.03 -9.88 -34.48
N SER B 329 -23.22 -10.51 -33.32
CA SER B 329 -22.88 -11.92 -33.14
C SER B 329 -23.90 -12.55 -32.20
N HIS B 330 -24.82 -11.71 -31.70
CA HIS B 330 -25.87 -12.16 -30.78
C HIS B 330 -27.25 -11.61 -31.19
#